data_7LDK
#
_entry.id   7LDK
#
_cell.length_a   157.646
_cell.length_b   157.646
_cell.length_c   47.291
_cell.angle_alpha   90.00
_cell.angle_beta   90.00
_cell.angle_gamma   120.00
#
_symmetry.space_group_name_H-M   'P 62'
#
loop_
_entity.id
_entity.type
_entity.pdbx_description
1 polymer 'Non-structural protein 2'
2 non-polymer 'D(-)-TARTARIC ACID'
3 non-polymer 'CHLORIDE ION'
4 water water
#
_entity_poly.entity_id   1
_entity_poly.type   'polypeptide(L)'
_entity_poly.pdbx_seq_one_letter_code
;HMDTTHNDTTPQRLMITDMRPLSLETTITSLTRDIITHRFIYLINHECIVRKLDERQATFTFLVNYEMKLLHKVGSTKYK
KYTEYNTKYGTFPMPIFINHDGFLECIGIKPTKHTPIIYKYDLNP
;
_entity_poly.pdbx_strand_id   B,A,C
#
loop_
_chem_comp.id
_chem_comp.type
_chem_comp.name
_chem_comp.formula
CL non-polymer 'CHLORIDE ION' 'Cl -1'
TAR non-polymer 'D(-)-TARTARIC ACID' 'C4 H6 O6'
#
# COMPACT_ATOMS: atom_id res chain seq x y z
N ARG A 20 24.56 -16.17 12.14
CA ARG A 20 24.70 -14.68 12.19
C ARG A 20 23.68 -14.02 11.24
N PRO A 21 22.49 -14.62 10.92
CA PRO A 21 21.72 -14.26 9.74
C PRO A 21 21.11 -12.84 9.80
N LEU A 22 20.69 -12.33 8.65
CA LEU A 22 20.01 -11.01 8.46
C LEU A 22 18.53 -11.28 8.08
N SER A 23 17.59 -11.01 8.99
CA SER A 23 16.13 -11.16 8.75
C SER A 23 15.58 -9.94 7.99
N LEU A 24 14.43 -10.15 7.36
CA LEU A 24 13.68 -9.20 6.50
C LEU A 24 13.58 -7.82 7.14
N GLU A 25 13.14 -7.75 8.42
CA GLU A 25 12.82 -6.47 9.10
C GLU A 25 13.93 -5.44 8.84
N THR A 26 15.21 -5.82 8.91
CA THR A 26 16.38 -4.90 8.68
C THR A 26 16.41 -4.45 7.22
N THR A 27 16.41 -5.41 6.29
CA THR A 27 16.40 -5.21 4.81
C THR A 27 15.29 -4.24 4.41
N ILE A 28 14.08 -4.48 4.91
CA ILE A 28 12.85 -3.71 4.53
C ILE A 28 12.94 -2.29 5.10
N THR A 29 13.32 -2.13 6.38
CA THR A 29 13.48 -0.82 7.05
C THR A 29 14.53 0.00 6.30
N SER A 30 15.60 -0.65 5.88
CA SER A 30 16.69 -0.04 5.08
C SER A 30 16.14 0.48 3.75
N LEU A 31 15.30 -0.31 3.07
CA LEU A 31 14.63 0.09 1.81
C LEU A 31 13.71 1.28 2.08
N THR A 32 12.95 1.25 3.18
CA THR A 32 12.01 2.31 3.58
C THR A 32 12.79 3.64 3.70
N ARG A 33 13.99 3.62 4.24
CA ARG A 33 14.79 4.85 4.41
C ARG A 33 15.24 5.38 3.05
N ASP A 34 15.51 4.49 2.08
CA ASP A 34 15.88 4.82 0.69
C ASP A 34 14.68 5.37 -0.08
N ILE A 35 13.50 4.78 0.10
CA ILE A 35 12.26 5.16 -0.64
C ILE A 35 11.68 6.46 -0.09
N ILE A 36 11.51 6.56 1.23
CA ILE A 36 10.78 7.72 1.83
C ILE A 36 11.78 8.83 2.10
N THR A 37 12.02 9.62 1.07
CA THR A 37 12.92 10.79 1.07
C THR A 37 12.07 12.03 1.29
N HIS A 38 12.71 13.18 1.49
CA HIS A 38 12.07 14.51 1.40
C HIS A 38 11.20 14.55 0.16
N ARG A 39 11.69 14.12 -1.01
CA ARG A 39 10.96 14.29 -2.30
C ARG A 39 9.68 13.48 -2.28
N PHE A 40 9.69 12.33 -1.62
CA PHE A 40 8.49 11.49 -1.43
C PHE A 40 7.44 12.26 -0.60
N ILE A 41 7.84 12.81 0.55
CA ILE A 41 6.95 13.59 1.45
C ILE A 41 6.42 14.83 0.71
N TYR A 42 7.26 15.46 -0.10
CA TYR A 42 6.90 16.65 -0.92
C TYR A 42 5.69 16.34 -1.78
N LEU A 43 5.71 15.17 -2.44
CA LEU A 43 4.61 14.75 -3.34
C LEU A 43 3.35 14.53 -2.52
N ILE A 44 3.48 13.86 -1.37
CA ILE A 44 2.31 13.50 -0.51
C ILE A 44 1.67 14.80 -0.06
N ASN A 45 2.49 15.72 0.44
CA ASN A 45 1.99 16.99 1.03
C ASN A 45 1.25 17.77 -0.05
N HIS A 46 1.78 17.77 -1.27
CA HIS A 46 1.11 18.41 -2.43
C HIS A 46 -0.29 17.83 -2.65
N GLU A 47 -0.40 16.49 -2.85
CA GLU A 47 -1.71 15.82 -3.08
C GLU A 47 -2.67 16.13 -1.94
N CYS A 48 -2.17 16.23 -0.71
CA CYS A 48 -3.00 16.50 0.50
C CYS A 48 -3.67 17.86 0.38
N ILE A 49 -2.95 18.90 -0.06
CA ILE A 49 -3.54 20.26 -0.17
C ILE A 49 -4.38 20.32 -1.44
N VAL A 50 -3.77 19.93 -2.56
CA VAL A 50 -4.40 20.04 -3.90
C VAL A 50 -5.76 19.35 -3.90
N ARG A 51 -5.91 18.20 -3.26
CA ARG A 51 -7.16 17.40 -3.27
C ARG A 51 -7.83 17.39 -1.89
N LYS A 52 -7.32 18.14 -0.92
CA LYS A 52 -7.91 18.35 0.43
C LYS A 52 -8.30 17.02 1.05
N LEU A 53 -7.36 16.11 1.19
CA LEU A 53 -7.60 14.73 1.61
C LEU A 53 -7.84 14.68 3.11
N ASP A 54 -8.68 13.75 3.57
CA ASP A 54 -8.75 13.38 5.00
C ASP A 54 -7.65 12.34 5.28
N GLU A 55 -7.50 11.96 6.55
CA GLU A 55 -6.49 11.00 7.05
C GLU A 55 -6.56 9.71 6.23
N ARG A 56 -7.75 9.19 5.99
CA ARG A 56 -7.91 7.85 5.40
C ARG A 56 -7.40 7.91 3.96
N GLN A 57 -7.70 9.00 3.26
CA GLN A 57 -7.31 9.21 1.85
C GLN A 57 -5.80 9.46 1.76
N ALA A 58 -5.27 10.29 2.67
CA ALA A 58 -3.84 10.63 2.68
C ALA A 58 -3.05 9.36 2.93
N THR A 59 -3.48 8.55 3.90
CA THR A 59 -2.79 7.29 4.24
C THR A 59 -2.77 6.39 3.01
N PHE A 60 -3.91 6.26 2.34
CA PHE A 60 -4.02 5.41 1.14
C PHE A 60 -3.00 5.90 0.10
N THR A 61 -3.04 7.19 -0.22
CA THR A 61 -2.12 7.83 -1.19
C THR A 61 -0.68 7.57 -0.77
N PHE A 62 -0.39 7.70 0.52
CA PHE A 62 0.94 7.43 1.09
C PHE A 62 1.36 6.00 0.74
N LEU A 63 0.51 5.01 1.01
CA LEU A 63 0.91 3.60 0.83
C LEU A 63 0.94 3.23 -0.65
N VAL A 64 0.00 3.75 -1.46
CA VAL A 64 0.05 3.50 -2.93
C VAL A 64 1.44 3.90 -3.43
N ASN A 65 1.93 5.08 -3.08
CA ASN A 65 3.21 5.62 -3.60
C ASN A 65 4.36 4.80 -3.01
N TYR A 66 4.31 4.40 -1.74
CA TYR A 66 5.33 3.53 -1.13
C TYR A 66 5.42 2.22 -1.89
N GLU A 67 4.29 1.50 -2.00
CA GLU A 67 4.23 0.17 -2.66
C GLU A 67 4.79 0.25 -4.08
N MET A 68 4.49 1.30 -4.84
CA MET A 68 4.98 1.45 -6.23
C MET A 68 6.52 1.59 -6.19
N LYS A 69 7.04 2.49 -5.36
CA LYS A 69 8.50 2.76 -5.32
C LYS A 69 9.21 1.49 -4.86
N LEU A 70 8.59 0.71 -3.97
CA LEU A 70 9.16 -0.55 -3.47
C LEU A 70 9.24 -1.55 -4.63
N LEU A 71 8.10 -1.77 -5.28
CA LEU A 71 7.98 -2.73 -6.41
C LEU A 71 9.00 -2.35 -7.48
N HIS A 72 9.08 -1.08 -7.86
CA HIS A 72 10.06 -0.58 -8.89
C HIS A 72 11.48 -0.90 -8.44
N LYS A 73 11.75 -1.06 -7.15
CA LYS A 73 13.13 -1.16 -6.63
C LYS A 73 13.58 -2.61 -6.53
N VAL A 74 12.71 -3.52 -6.07
CA VAL A 74 13.09 -4.93 -5.75
C VAL A 74 12.43 -5.92 -6.71
N GLY A 75 11.61 -5.44 -7.65
CA GLY A 75 10.88 -6.30 -8.60
C GLY A 75 9.87 -7.20 -7.92
N SER A 76 9.15 -7.99 -8.71
CA SER A 76 7.92 -8.72 -8.36
C SER A 76 8.16 -9.71 -7.22
N THR A 77 9.15 -10.60 -7.31
CA THR A 77 9.19 -11.79 -6.41
C THR A 77 9.46 -11.30 -4.99
N LYS A 78 10.39 -10.35 -4.82
CA LYS A 78 10.68 -9.80 -3.47
C LYS A 78 9.50 -8.94 -2.98
N TYR A 79 8.89 -8.14 -3.84
CA TYR A 79 7.70 -7.34 -3.48
C TYR A 79 6.68 -8.26 -2.81
N LYS A 80 6.37 -9.39 -3.42
CA LYS A 80 5.35 -10.32 -2.90
C LYS A 80 5.82 -10.90 -1.55
N LYS A 81 7.12 -11.13 -1.36
CA LYS A 81 7.70 -11.66 -0.08
C LYS A 81 7.44 -10.62 1.00
N TYR A 82 7.84 -9.37 0.72
CA TYR A 82 7.84 -8.24 1.68
C TYR A 82 6.38 -7.91 2.05
N THR A 83 5.45 -7.91 1.09
CA THR A 83 4.02 -7.60 1.39
C THR A 83 3.43 -8.71 2.28
N GLU A 84 3.73 -9.97 2.04
CA GLU A 84 3.19 -11.08 2.88
C GLU A 84 3.88 -11.03 4.26
N TYR A 85 5.13 -10.58 4.32
CA TYR A 85 5.86 -10.37 5.59
C TYR A 85 5.22 -9.24 6.40
N ASN A 86 4.81 -8.15 5.75
CA ASN A 86 4.16 -6.99 6.40
C ASN A 86 2.79 -7.39 6.95
N THR A 87 2.03 -8.23 6.25
CA THR A 87 0.68 -8.64 6.68
C THR A 87 0.82 -9.31 8.04
N LYS A 88 1.93 -10.01 8.26
CA LYS A 88 2.14 -10.90 9.43
C LYS A 88 2.84 -10.13 10.55
N TYR A 89 3.79 -9.25 10.25
CA TYR A 89 4.68 -8.58 11.25
C TYR A 89 4.59 -7.05 11.19
N GLY A 90 3.80 -6.45 10.31
CA GLY A 90 3.51 -5.01 10.31
C GLY A 90 4.75 -4.14 10.09
N THR A 91 5.61 -4.55 9.17
CA THR A 91 6.94 -3.97 8.88
C THR A 91 6.87 -2.80 7.85
N PHE A 92 5.70 -2.55 7.25
CA PHE A 92 5.54 -1.41 6.30
C PHE A 92 5.36 -0.12 7.10
N PRO A 93 5.95 0.99 6.62
CA PRO A 93 5.87 2.28 7.30
C PRO A 93 4.45 2.84 7.31
N MET A 94 4.15 3.61 8.35
CA MET A 94 2.90 4.39 8.53
C MET A 94 3.25 5.86 8.58
N PRO A 95 2.45 6.74 7.94
CA PRO A 95 2.71 8.16 7.97
C PRO A 95 2.17 8.82 9.26
N ILE A 96 2.86 9.83 9.75
CA ILE A 96 2.39 10.73 10.83
C ILE A 96 1.91 12.02 10.16
N PHE A 97 0.62 12.33 10.23
CA PHE A 97 0.00 13.55 9.66
C PHE A 97 -0.31 14.54 10.76
N ILE A 98 -0.18 15.83 10.49
CA ILE A 98 -0.81 16.86 11.37
C ILE A 98 -1.82 17.62 10.56
N ASN A 99 -2.81 18.22 11.22
CA ASN A 99 -3.94 18.95 10.58
C ASN A 99 -3.70 20.45 10.76
N HIS A 100 -3.39 21.14 9.66
CA HIS A 100 -3.37 22.61 9.60
C HIS A 100 -4.69 23.09 9.01
N ASP A 101 -5.78 23.06 9.77
CA ASP A 101 -7.05 23.74 9.41
C ASP A 101 -7.72 22.99 8.25
N GLY A 102 -7.70 21.66 8.26
CA GLY A 102 -8.39 20.83 7.26
C GLY A 102 -7.45 20.39 6.15
N PHE A 103 -6.22 20.92 6.14
CA PHE A 103 -5.12 20.53 5.21
C PHE A 103 -4.07 19.73 5.96
N LEU A 104 -3.87 18.47 5.57
CA LEU A 104 -2.94 17.56 6.26
C LEU A 104 -1.54 17.79 5.75
N GLU A 105 -0.57 17.63 6.63
CA GLU A 105 0.88 17.64 6.32
C GLU A 105 1.46 16.35 6.90
N CYS A 106 2.22 15.58 6.11
CA CYS A 106 2.99 14.42 6.59
C CYS A 106 4.32 14.95 7.10
N ILE A 107 4.63 14.69 8.38
CA ILE A 107 5.80 15.25 9.10
C ILE A 107 6.77 14.15 9.48
N GLY A 108 6.48 12.91 9.10
CA GLY A 108 7.39 11.78 9.27
C GLY A 108 6.67 10.45 9.14
N ILE A 109 7.37 9.38 9.53
CA ILE A 109 6.90 7.97 9.42
C ILE A 109 7.28 7.21 10.68
N LYS A 110 6.44 6.25 11.08
CA LYS A 110 6.83 5.06 11.87
C LYS A 110 7.33 4.01 10.90
N PRO A 111 8.65 3.72 10.79
CA PRO A 111 9.16 2.79 9.77
C PRO A 111 8.58 1.37 9.86
N THR A 112 8.30 0.89 11.09
CA THR A 112 7.63 -0.40 11.40
C THR A 112 6.75 -0.23 12.64
N LYS A 113 6.09 -1.31 13.07
CA LYS A 113 5.26 -1.40 14.31
C LYS A 113 6.10 -1.02 15.54
N HIS A 114 7.33 -1.53 15.58
CA HIS A 114 8.22 -1.64 16.78
C HIS A 114 9.17 -0.44 16.87
N THR A 115 9.31 0.35 15.81
CA THR A 115 10.42 1.35 15.69
C THR A 115 9.85 2.76 15.94
N PRO A 116 10.61 3.65 16.61
CA PRO A 116 10.13 5.00 16.87
C PRO A 116 10.04 5.84 15.59
N ILE A 117 9.24 6.88 15.64
CA ILE A 117 8.98 7.82 14.53
C ILE A 117 10.28 8.49 14.08
N ILE A 118 10.43 8.68 12.76
CA ILE A 118 11.44 9.58 12.12
C ILE A 118 10.72 10.80 11.56
N TYR A 119 11.14 12.00 11.96
CA TYR A 119 10.56 13.27 11.47
C TYR A 119 11.25 13.67 10.17
N LYS A 120 10.51 14.38 9.31
CA LYS A 120 10.92 15.01 8.02
C LYS A 120 12.36 15.53 8.13
N TYR A 121 12.70 16.26 9.20
CA TYR A 121 14.04 16.91 9.33
C TYR A 121 15.15 15.87 9.29
N ASP A 122 14.85 14.57 9.44
CA ASP A 122 15.84 13.48 9.63
C ASP A 122 15.76 12.48 8.47
N LEU A 123 14.94 12.76 7.46
CA LEU A 123 14.83 11.92 6.24
C LEU A 123 15.85 12.39 5.20
N ASN A 124 16.22 11.51 4.27
CA ASN A 124 17.21 11.84 3.22
C ASN A 124 16.61 12.90 2.31
N PRO A 125 17.44 13.79 1.71
CA PRO A 125 16.92 14.73 0.71
C PRO A 125 16.24 13.99 -0.47
N SER B 23 29.58 -1.05 -20.00
CA SER B 23 29.05 -0.65 -18.67
C SER B 23 27.54 -0.92 -18.62
N LEU B 24 27.03 -1.47 -17.52
CA LEU B 24 25.71 -2.18 -17.44
C LEU B 24 24.57 -1.29 -17.93
N GLU B 25 24.48 -0.05 -17.46
CA GLU B 25 23.32 0.84 -17.74
C GLU B 25 22.95 0.81 -19.23
N THR B 26 23.94 0.84 -20.13
CA THR B 26 23.75 0.81 -21.62
C THR B 26 23.19 -0.55 -22.02
N THR B 27 23.89 -1.64 -21.64
CA THR B 27 23.51 -3.05 -21.90
C THR B 27 22.06 -3.31 -21.48
N ILE B 28 21.68 -2.87 -20.28
CA ILE B 28 20.33 -3.15 -19.68
C ILE B 28 19.26 -2.33 -20.42
N THR B 29 19.51 -1.05 -20.69
CA THR B 29 18.58 -0.15 -21.43
C THR B 29 18.35 -0.72 -22.82
N SER B 30 19.42 -1.23 -23.45
CA SER B 30 19.39 -1.89 -24.77
C SER B 30 18.47 -3.13 -24.72
N LEU B 31 18.60 -3.94 -23.68
CA LEU B 31 17.72 -5.13 -23.48
C LEU B 31 16.27 -4.66 -23.27
N THR B 32 16.06 -3.62 -22.47
CA THR B 32 14.72 -3.07 -22.17
C THR B 32 14.05 -2.70 -23.51
N ARG B 33 14.79 -2.11 -24.42
CA ARG B 33 14.23 -1.62 -25.69
C ARG B 33 13.84 -2.82 -26.57
N ASP B 34 14.58 -3.92 -26.48
CA ASP B 34 14.33 -5.22 -27.18
C ASP B 34 13.10 -5.90 -26.59
N ILE B 35 12.95 -5.91 -25.27
CA ILE B 35 11.86 -6.65 -24.57
C ILE B 35 10.55 -5.88 -24.67
N ILE B 36 10.53 -4.58 -24.38
CA ILE B 36 9.27 -3.80 -24.28
C ILE B 36 8.92 -3.27 -25.68
N THR B 37 8.21 -4.12 -26.42
CA THR B 37 7.83 -4.01 -27.83
C THR B 37 6.35 -3.61 -27.84
N HIS B 38 5.80 -3.19 -28.98
CA HIS B 38 4.34 -2.92 -29.08
C HIS B 38 3.57 -4.14 -28.60
N ARG B 39 3.99 -5.36 -28.98
CA ARG B 39 3.28 -6.63 -28.67
C ARG B 39 3.29 -6.85 -27.16
N PHE B 40 4.34 -6.43 -26.45
CA PHE B 40 4.43 -6.48 -24.97
C PHE B 40 3.33 -5.59 -24.38
N ILE B 41 3.26 -4.33 -24.82
CA ILE B 41 2.24 -3.35 -24.33
C ILE B 41 0.84 -3.87 -24.69
N TYR B 42 0.63 -4.49 -25.84
CA TYR B 42 -0.66 -5.07 -26.28
C TYR B 42 -1.17 -6.03 -25.21
N LEU B 43 -0.30 -6.91 -24.73
CA LEU B 43 -0.65 -7.92 -23.70
C LEU B 43 -1.01 -7.19 -22.40
N ILE B 44 -0.22 -6.19 -22.00
CA ILE B 44 -0.41 -5.48 -20.71
C ILE B 44 -1.73 -4.75 -20.77
N ASN B 45 -2.00 -4.06 -21.87
CA ASN B 45 -3.24 -3.27 -22.03
C ASN B 45 -4.44 -4.22 -21.90
N HIS B 46 -4.34 -5.40 -22.48
CA HIS B 46 -5.39 -6.46 -22.39
C HIS B 46 -5.58 -6.87 -20.92
N GLU B 47 -4.52 -7.28 -20.19
CA GLU B 47 -4.63 -7.70 -18.76
C GLU B 47 -5.29 -6.58 -17.96
N CYS B 48 -5.01 -5.32 -18.31
CA CYS B 48 -5.57 -4.14 -17.59
C CYS B 48 -7.08 -4.10 -17.75
N ILE B 49 -7.60 -4.34 -18.95
CA ILE B 49 -9.07 -4.28 -19.20
C ILE B 49 -9.70 -5.55 -18.64
N VAL B 50 -9.16 -6.69 -19.03
CA VAL B 50 -9.80 -8.00 -18.78
C VAL B 50 -9.91 -8.20 -17.27
N ARG B 51 -8.92 -7.76 -16.50
CA ARG B 51 -8.91 -7.94 -15.03
C ARG B 51 -9.05 -6.62 -14.27
N LYS B 52 -9.35 -5.52 -14.96
CA LYS B 52 -9.67 -4.19 -14.36
C LYS B 52 -8.62 -3.80 -13.32
N LEU B 53 -7.33 -3.80 -13.66
CA LEU B 53 -6.24 -3.67 -12.67
C LEU B 53 -6.14 -2.21 -12.20
N ASP B 54 -5.75 -1.99 -10.95
CA ASP B 54 -5.26 -0.66 -10.50
C ASP B 54 -3.78 -0.52 -10.90
N GLU B 55 -3.19 0.65 -10.69
CA GLU B 55 -1.83 0.95 -11.18
C GLU B 55 -0.82 0.03 -10.51
N ARG B 56 -1.03 -0.29 -9.24
N ARG B 56 -1.01 -0.27 -9.22
CA ARG B 56 -0.02 -1.09 -8.50
CA ARG B 56 -0.07 -1.11 -8.43
C ARG B 56 -0.02 -2.51 -9.08
C ARG B 56 -0.03 -2.50 -9.08
N GLN B 57 -1.20 -3.04 -9.42
CA GLN B 57 -1.35 -4.36 -10.06
C GLN B 57 -0.82 -4.33 -11.49
N ALA B 58 -1.11 -3.29 -12.25
CA ALA B 58 -0.67 -3.19 -13.67
C ALA B 58 0.86 -3.15 -13.68
N THR B 59 1.47 -2.35 -12.81
CA THR B 59 2.94 -2.28 -12.66
C THR B 59 3.50 -3.68 -12.32
N PHE B 60 2.90 -4.38 -11.38
CA PHE B 60 3.36 -5.73 -10.96
C PHE B 60 3.32 -6.65 -12.17
N THR B 61 2.17 -6.71 -12.85
CA THR B 61 1.95 -7.54 -14.07
C THR B 61 3.01 -7.15 -15.09
N PHE B 62 3.26 -5.86 -15.28
CA PHE B 62 4.28 -5.34 -16.22
C PHE B 62 5.64 -5.92 -15.85
N LEU B 63 6.04 -5.87 -14.59
CA LEU B 63 7.40 -6.31 -14.19
C LEU B 63 7.50 -7.84 -14.21
N VAL B 64 6.46 -8.57 -13.83
CA VAL B 64 6.48 -10.06 -13.92
C VAL B 64 6.80 -10.42 -15.39
N ASN B 65 6.13 -9.83 -16.36
CA ASN B 65 6.33 -10.16 -17.80
C ASN B 65 7.71 -9.69 -18.27
N TYR B 66 8.17 -8.54 -17.83
CA TYR B 66 9.54 -8.03 -18.13
C TYR B 66 10.56 -9.00 -17.57
N GLU B 67 10.52 -9.30 -16.29
CA GLU B 67 11.48 -10.22 -15.61
C GLU B 67 11.56 -11.57 -16.33
N MET B 68 10.43 -12.16 -16.75
CA MET B 68 10.43 -13.44 -17.48
C MET B 68 11.18 -13.29 -18.80
N LYS B 69 10.85 -12.29 -19.58
CA LYS B 69 11.45 -12.10 -20.92
C LYS B 69 12.94 -11.86 -20.76
N LEU B 70 13.33 -11.18 -19.69
CA LEU B 70 14.75 -10.88 -19.39
C LEU B 70 15.48 -12.19 -19.08
N LEU B 71 14.95 -12.94 -18.13
CA LEU B 71 15.51 -14.22 -17.66
C LEU B 71 15.66 -15.14 -18.88
N HIS B 72 14.61 -15.29 -19.69
CA HIS B 72 14.64 -16.14 -20.90
C HIS B 72 15.74 -15.67 -21.85
N LYS B 73 16.15 -14.42 -21.81
CA LYS B 73 17.04 -13.84 -22.83
C LYS B 73 18.50 -13.90 -22.41
N VAL B 74 18.82 -13.68 -21.13
CA VAL B 74 20.23 -13.57 -20.66
C VAL B 74 20.58 -14.72 -19.70
N GLY B 75 19.63 -15.62 -19.42
CA GLY B 75 19.85 -16.78 -18.53
C GLY B 75 20.07 -16.34 -17.09
N SER B 76 20.20 -17.30 -16.16
CA SER B 76 20.11 -17.06 -14.69
C SER B 76 21.25 -16.16 -14.21
N THR B 77 22.50 -16.43 -14.53
CA THR B 77 23.65 -15.73 -13.86
C THR B 77 23.57 -14.22 -14.17
N LYS B 78 23.32 -13.83 -15.42
CA LYS B 78 23.24 -12.39 -15.78
C LYS B 78 21.96 -11.77 -15.20
N TYR B 79 20.85 -12.51 -15.24
CA TYR B 79 19.56 -12.04 -14.65
C TYR B 79 19.82 -11.60 -13.22
N LYS B 80 20.50 -12.44 -12.42
CA LYS B 80 20.77 -12.16 -10.99
C LYS B 80 21.68 -10.91 -10.87
N LYS B 81 22.61 -10.70 -11.80
CA LYS B 81 23.49 -9.51 -11.79
C LYS B 81 22.63 -8.27 -12.01
N TYR B 82 21.81 -8.29 -13.06
CA TYR B 82 21.01 -7.13 -13.52
C TYR B 82 19.96 -6.79 -12.45
N THR B 83 19.31 -7.80 -11.84
CA THR B 83 18.27 -7.53 -10.81
C THR B 83 18.93 -6.88 -9.58
N GLU B 84 20.11 -7.33 -9.15
CA GLU B 84 20.78 -6.75 -7.95
C GLU B 84 21.33 -5.37 -8.33
N TYR B 85 21.69 -5.15 -9.58
CA TYR B 85 22.09 -3.81 -10.11
C TYR B 85 20.90 -2.84 -10.07
N ASN B 86 19.70 -3.29 -10.44
CA ASN B 86 18.47 -2.46 -10.40
C ASN B 86 18.11 -2.07 -8.97
N THR B 87 18.24 -2.98 -8.02
CA THR B 87 17.85 -2.73 -6.60
C THR B 87 18.67 -1.56 -6.10
N LYS B 88 19.90 -1.40 -6.61
CA LYS B 88 20.90 -0.43 -6.09
C LYS B 88 20.80 0.89 -6.88
N TYR B 89 20.61 0.83 -8.19
CA TYR B 89 20.69 2.01 -9.09
C TYR B 89 19.39 2.25 -9.88
N GLY B 90 18.35 1.45 -9.71
CA GLY B 90 17.00 1.72 -10.29
C GLY B 90 16.97 1.72 -11.81
N THR B 91 17.68 0.77 -12.43
CA THR B 91 17.83 0.60 -13.91
C THR B 91 16.68 -0.20 -14.57
N PHE B 92 15.75 -0.79 -13.82
CA PHE B 92 14.60 -1.52 -14.41
C PHE B 92 13.50 -0.52 -14.77
N PRO B 93 12.83 -0.73 -15.93
CA PRO B 93 11.89 0.24 -16.45
C PRO B 93 10.65 0.36 -15.58
N MET B 94 10.03 1.53 -15.62
CA MET B 94 8.68 1.80 -15.06
C MET B 94 7.71 2.06 -16.20
N PRO B 95 6.50 1.48 -16.18
CA PRO B 95 5.46 1.83 -17.14
C PRO B 95 4.74 3.13 -16.77
N ILE B 96 4.42 3.94 -17.77
CA ILE B 96 3.62 5.20 -17.66
C ILE B 96 2.21 4.85 -18.13
N PHE B 97 1.22 4.96 -17.23
CA PHE B 97 -0.20 4.60 -17.48
C PHE B 97 -1.03 5.87 -17.62
N ILE B 98 -2.09 5.83 -18.42
CA ILE B 98 -3.18 6.84 -18.38
C ILE B 98 -4.47 6.11 -18.10
N ASN B 99 -5.55 6.86 -17.86
CA ASN B 99 -6.89 6.31 -17.54
C ASN B 99 -7.83 6.49 -18.73
N HIS B 100 -8.13 5.41 -19.44
CA HIS B 100 -8.79 5.34 -20.76
C HIS B 100 -10.14 4.62 -20.57
N ASP B 101 -11.18 5.36 -20.20
CA ASP B 101 -12.57 4.83 -20.13
C ASP B 101 -12.70 3.85 -18.96
N GLY B 102 -12.05 4.12 -17.83
CA GLY B 102 -12.19 3.30 -16.60
C GLY B 102 -11.10 2.27 -16.48
N PHE B 103 -10.29 2.10 -17.54
CA PHE B 103 -9.23 1.07 -17.65
C PHE B 103 -7.89 1.76 -17.80
N LEU B 104 -6.81 1.22 -17.22
CA LEU B 104 -5.44 1.73 -17.45
C LEU B 104 -4.92 1.34 -18.84
N GLU B 105 -4.14 2.22 -19.43
CA GLU B 105 -3.48 2.01 -20.73
C GLU B 105 -2.03 2.46 -20.56
N CYS B 106 -1.09 1.61 -20.94
CA CYS B 106 0.35 1.93 -20.90
C CYS B 106 0.71 2.63 -22.21
N ILE B 107 1.29 3.84 -22.13
CA ILE B 107 1.60 4.73 -23.27
C ILE B 107 3.10 4.94 -23.39
N GLY B 108 3.88 4.34 -22.50
CA GLY B 108 5.34 4.25 -22.63
C GLY B 108 6.01 3.76 -21.36
N ILE B 109 7.33 3.88 -21.30
CA ILE B 109 8.19 3.43 -20.18
C ILE B 109 9.25 4.49 -19.90
N LYS B 110 9.61 4.65 -18.64
CA LYS B 110 10.86 5.30 -18.18
C LYS B 110 11.90 4.20 -18.08
N PRO B 111 12.86 4.08 -19.02
CA PRO B 111 13.70 2.88 -19.08
C PRO B 111 14.55 2.67 -17.82
N THR B 112 15.03 3.77 -17.22
CA THR B 112 15.82 3.82 -15.96
C THR B 112 15.46 5.11 -15.20
N LYS B 113 16.02 5.28 -14.01
CA LYS B 113 15.82 6.45 -13.11
C LYS B 113 16.23 7.73 -13.83
N HIS B 114 17.36 7.71 -14.53
CA HIS B 114 18.05 8.93 -14.99
C HIS B 114 17.82 9.18 -16.48
N THR B 115 17.07 8.32 -17.17
CA THR B 115 16.83 8.43 -18.63
C THR B 115 15.41 8.93 -18.87
N PRO B 116 15.17 9.76 -19.90
CA PRO B 116 13.82 10.25 -20.18
C PRO B 116 12.89 9.16 -20.69
N ILE B 117 11.58 9.36 -20.52
CA ILE B 117 10.50 8.47 -21.01
C ILE B 117 10.63 8.20 -22.51
N ILE B 118 10.36 6.96 -22.90
CA ILE B 118 10.06 6.53 -24.30
C ILE B 118 8.56 6.25 -24.41
N TYR B 119 7.88 6.96 -25.30
CA TYR B 119 6.43 6.82 -25.57
C TYR B 119 6.27 5.69 -26.59
N LYS B 120 5.09 5.04 -26.58
CA LYS B 120 4.69 3.90 -27.43
C LYS B 120 5.13 4.13 -28.87
N TYR B 121 4.94 5.34 -29.39
CA TYR B 121 5.28 5.72 -30.79
C TYR B 121 6.76 5.47 -31.10
N ASP B 122 7.62 5.26 -30.12
CA ASP B 122 9.10 5.20 -30.27
C ASP B 122 9.62 3.81 -29.89
N LEU B 123 8.72 2.88 -29.54
CA LEU B 123 9.11 1.49 -29.18
C LEU B 123 9.06 0.62 -30.43
N ASN B 124 9.79 -0.50 -30.44
CA ASN B 124 9.82 -1.42 -31.62
C ASN B 124 8.46 -2.07 -31.77
N PRO B 125 8.02 -2.46 -32.98
CA PRO B 125 6.71 -3.08 -33.18
C PRO B 125 6.73 -4.55 -32.66
N PRO C 21 -19.31 -12.06 -4.15
CA PRO C 21 -19.08 -13.07 -3.11
C PRO C 21 -18.12 -14.18 -3.55
N LEU C 22 -16.86 -14.09 -3.09
CA LEU C 22 -15.82 -15.17 -3.10
C LEU C 22 -15.69 -15.71 -1.66
N SER C 23 -14.57 -16.35 -1.29
CA SER C 23 -14.30 -16.82 0.11
C SER C 23 -13.85 -15.66 1.01
N LEU C 24 -13.94 -14.42 0.52
CA LEU C 24 -13.52 -13.17 1.21
C LEU C 24 -14.07 -13.11 2.64
N GLU C 25 -15.38 -13.35 2.82
CA GLU C 25 -16.09 -13.20 4.12
C GLU C 25 -15.24 -13.80 5.26
N THR C 26 -14.65 -14.98 5.05
CA THR C 26 -13.85 -15.71 6.07
C THR C 26 -12.55 -14.92 6.33
N THR C 27 -11.80 -14.63 5.28
CA THR C 27 -10.50 -13.89 5.35
C THR C 27 -10.70 -12.52 6.01
N ILE C 28 -11.79 -11.79 5.72
CA ILE C 28 -12.11 -10.45 6.29
C ILE C 28 -12.41 -10.58 7.78
N THR C 29 -13.30 -11.50 8.15
CA THR C 29 -13.72 -11.73 9.56
C THR C 29 -12.49 -12.12 10.37
N SER C 30 -11.59 -12.91 9.79
CA SER C 30 -10.30 -13.31 10.38
C SER C 30 -9.43 -12.08 10.65
N LEU C 31 -9.35 -11.16 9.71
CA LEU C 31 -8.62 -9.87 9.86
C LEU C 31 -9.26 -9.04 10.97
N THR C 32 -10.60 -8.98 11.02
CA THR C 32 -11.36 -8.24 12.04
C THR C 32 -10.91 -8.71 13.44
N ARG C 33 -10.75 -10.01 13.61
CA ARG C 33 -10.39 -10.60 14.92
C ARG C 33 -8.95 -10.19 15.30
N ASP C 34 -8.07 -10.06 14.31
CA ASP C 34 -6.64 -9.67 14.46
C ASP C 34 -6.55 -8.17 14.79
N ILE C 35 -7.36 -7.33 14.15
CA ILE C 35 -7.28 -5.85 14.28
C ILE C 35 -7.93 -5.39 15.59
N ILE C 36 -9.12 -5.88 15.91
CA ILE C 36 -9.86 -5.39 17.11
C ILE C 36 -9.43 -6.18 18.34
N THR C 37 -8.38 -5.70 18.97
CA THR C 37 -7.75 -6.23 20.19
C THR C 37 -8.27 -5.46 21.41
N HIS C 38 -7.94 -5.91 22.62
CA HIS C 38 -8.23 -5.15 23.87
C HIS C 38 -7.67 -3.73 23.72
N ARG C 39 -6.46 -3.61 23.16
CA ARG C 39 -5.74 -2.32 23.04
C ARG C 39 -6.50 -1.38 22.12
N PHE C 40 -7.15 -1.92 21.09
CA PHE C 40 -8.03 -1.17 20.15
C PHE C 40 -9.21 -0.59 20.93
N ILE C 41 -9.92 -1.40 21.69
CA ILE C 41 -11.08 -0.95 22.54
C ILE C 41 -10.60 0.10 23.55
N TYR C 42 -9.42 -0.08 24.14
CA TYR C 42 -8.84 0.83 25.15
C TYR C 42 -8.75 2.24 24.56
N LEU C 43 -8.28 2.33 23.33
CA LEU C 43 -8.08 3.60 22.62
C LEU C 43 -9.45 4.22 22.32
N ILE C 44 -10.40 3.43 21.88
CA ILE C 44 -11.76 3.95 21.51
C ILE C 44 -12.42 4.48 22.78
N ASN C 45 -12.33 3.73 23.87
CA ASN C 45 -12.96 4.10 25.15
C ASN C 45 -12.37 5.44 25.59
N HIS C 46 -11.07 5.63 25.42
CA HIS C 46 -10.38 6.89 25.78
C HIS C 46 -10.98 8.05 24.98
N GLU C 47 -11.00 7.96 23.64
CA GLU C 47 -11.54 9.03 22.75
C GLU C 47 -12.99 9.34 23.16
N CYS C 48 -13.76 8.34 23.56
CA CYS C 48 -15.18 8.50 23.94
C CYS C 48 -15.30 9.41 25.17
N ILE C 49 -14.44 9.23 26.17
CA ILE C 49 -14.50 10.04 27.42
C ILE C 49 -13.87 11.39 27.12
N VAL C 50 -12.66 11.39 26.61
CA VAL C 50 -11.84 12.62 26.48
C VAL C 50 -12.61 13.62 25.60
N ARG C 51 -13.31 13.17 24.56
CA ARG C 51 -14.02 14.07 23.61
C ARG C 51 -15.54 13.92 23.72
N LYS C 52 -16.03 13.18 24.70
CA LYS C 52 -17.48 13.02 25.01
C LYS C 52 -18.29 12.75 23.74
N LEU C 53 -17.95 11.74 22.97
CA LEU C 53 -18.58 11.49 21.65
C LEU C 53 -19.95 10.88 21.84
N ASP C 54 -20.89 11.16 20.94
CA ASP C 54 -22.18 10.42 20.85
C ASP C 54 -21.93 9.18 19.99
N GLU C 55 -22.94 8.33 19.84
CA GLU C 55 -22.87 7.04 19.10
C GLU C 55 -22.36 7.27 17.68
N ARG C 56 -22.86 8.30 16.99
CA ARG C 56 -22.56 8.51 15.57
C ARG C 56 -21.07 8.82 15.44
N GLN C 57 -20.55 9.64 16.34
CA GLN C 57 -19.14 10.09 16.34
C GLN C 57 -18.23 8.92 16.74
N ALA C 58 -18.64 8.17 17.77
CA ALA C 58 -17.83 7.07 18.33
C ALA C 58 -17.73 6.00 17.25
N THR C 59 -18.84 5.68 16.59
CA THR C 59 -18.85 4.71 15.48
C THR C 59 -17.89 5.16 14.37
N PHE C 60 -17.94 6.42 13.96
CA PHE C 60 -17.04 6.95 12.90
C PHE C 60 -15.59 6.71 13.34
N THR C 61 -15.23 7.17 14.54
CA THR C 61 -13.87 7.01 15.10
C THR C 61 -13.50 5.53 15.12
N PHE C 62 -14.43 4.66 15.52
CA PHE C 62 -14.24 3.20 15.53
C PHE C 62 -13.88 2.74 14.12
N LEU C 63 -14.64 3.13 13.09
CA LEU C 63 -14.42 2.61 11.71
C LEU C 63 -13.16 3.22 11.11
N VAL C 64 -12.90 4.51 11.33
CA VAL C 64 -11.67 5.13 10.78
C VAL C 64 -10.47 4.36 11.33
N ASN C 65 -10.42 4.03 12.61
CA ASN C 65 -9.27 3.32 13.22
C ASN C 65 -9.22 1.89 12.69
N TYR C 66 -10.34 1.21 12.52
CA TYR C 66 -10.39 -0.14 11.91
C TYR C 66 -9.78 -0.10 10.50
N GLU C 67 -10.31 0.77 9.65
CA GLU C 67 -9.89 0.86 8.24
C GLU C 67 -8.42 1.22 8.14
N MET C 68 -7.86 2.06 9.00
CA MET C 68 -6.42 2.38 8.97
C MET C 68 -5.61 1.13 9.30
N LYS C 69 -5.97 0.43 10.37
CA LYS C 69 -5.24 -0.79 10.79
C LYS C 69 -5.30 -1.82 9.66
N LEU C 70 -6.44 -1.88 8.97
CA LEU C 70 -6.65 -2.81 7.85
C LEU C 70 -5.73 -2.42 6.71
N LEU C 71 -5.80 -1.18 6.26
CA LEU C 71 -4.97 -0.63 5.16
C LEU C 71 -3.50 -0.91 5.46
N HIS C 72 -3.02 -0.59 6.67
CA HIS C 72 -1.61 -0.84 7.06
CA HIS C 72 -1.60 -0.86 7.06
C HIS C 72 -1.28 -2.34 6.94
N LYS C 73 -2.28 -3.21 7.05
CA LYS C 73 -2.03 -4.66 7.15
C LYS C 73 -2.05 -5.36 5.78
N VAL C 74 -2.97 -4.98 4.89
CA VAL C 74 -3.22 -5.70 3.61
C VAL C 74 -2.85 -4.81 2.41
N GLY C 75 -2.39 -3.59 2.65
CA GLY C 75 -1.99 -2.66 1.57
C GLY C 75 -3.17 -2.21 0.76
N SER C 76 -2.92 -1.34 -0.23
CA SER C 76 -3.94 -0.56 -0.98
C SER C 76 -4.94 -1.48 -1.71
N THR C 77 -4.47 -2.43 -2.52
CA THR C 77 -5.32 -3.13 -3.52
C THR C 77 -6.39 -3.93 -2.77
N LYS C 78 -6.00 -4.67 -1.75
CA LYS C 78 -6.94 -5.50 -0.96
C LYS C 78 -7.85 -4.59 -0.13
N TYR C 79 -7.30 -3.53 0.47
CA TYR C 79 -8.10 -2.57 1.26
C TYR C 79 -9.29 -2.13 0.40
N LYS C 80 -9.04 -1.73 -0.84
CA LYS C 80 -10.09 -1.17 -1.71
C LYS C 80 -11.12 -2.28 -2.03
N LYS C 81 -10.70 -3.54 -2.15
CA LYS C 81 -11.61 -4.67 -2.42
C LYS C 81 -12.52 -4.86 -1.21
N TYR C 82 -11.92 -4.96 -0.04
CA TYR C 82 -12.63 -5.28 1.23
C TYR C 82 -13.59 -4.15 1.59
N THR C 83 -13.21 -2.88 1.40
CA THR C 83 -14.09 -1.73 1.73
C THR C 83 -15.30 -1.74 0.80
N GLU C 84 -15.12 -2.00 -0.50
CA GLU C 84 -16.26 -1.99 -1.45
C GLU C 84 -17.14 -3.22 -1.18
N TYR C 85 -16.54 -4.33 -0.71
CA TYR C 85 -17.26 -5.55 -0.29
C TYR C 85 -18.14 -5.27 0.93
N ASN C 86 -17.63 -4.52 1.91
CA ASN C 86 -18.37 -4.17 3.15
C ASN C 86 -19.54 -3.25 2.81
N THR C 87 -19.38 -2.31 1.89
CA THR C 87 -20.44 -1.33 1.55
C THR C 87 -21.66 -2.12 1.05
N LYS C 88 -21.41 -3.25 0.40
CA LYS C 88 -22.44 -4.03 -0.34
C LYS C 88 -23.02 -5.11 0.58
N TYR C 89 -22.20 -5.78 1.40
CA TYR C 89 -22.62 -6.97 2.20
C TYR C 89 -22.51 -6.72 3.71
N GLY C 90 -22.06 -5.54 4.15
CA GLY C 90 -22.10 -5.14 5.57
C GLY C 90 -21.26 -6.04 6.47
N THR C 91 -20.07 -6.47 6.00
CA THR C 91 -19.17 -7.43 6.70
C THR C 91 -18.11 -6.71 7.52
N PHE C 92 -18.15 -5.37 7.54
CA PHE C 92 -17.42 -4.45 8.44
C PHE C 92 -17.94 -4.61 9.85
N PRO C 93 -17.06 -4.70 10.87
CA PRO C 93 -17.51 -4.79 12.25
C PRO C 93 -18.18 -3.47 12.70
N MET C 94 -19.16 -3.60 13.60
CA MET C 94 -19.88 -2.48 14.25
C MET C 94 -19.58 -2.57 15.74
N PRO C 95 -19.34 -1.42 16.41
CA PRO C 95 -19.12 -1.42 17.85
C PRO C 95 -20.45 -1.43 18.62
N ILE C 96 -20.49 -2.13 19.74
CA ILE C 96 -21.62 -2.13 20.71
C ILE C 96 -21.20 -1.24 21.88
N PHE C 97 -21.90 -0.14 22.09
CA PHE C 97 -21.62 0.88 23.14
C PHE C 97 -22.65 0.75 24.25
N ILE C 98 -22.28 1.03 25.50
CA ILE C 98 -23.27 1.27 26.58
C ILE C 98 -23.02 2.66 27.14
N ASN C 99 -24.02 3.22 27.81
CA ASN C 99 -24.07 4.66 28.19
C ASN C 99 -23.92 4.79 29.70
N HIS C 100 -22.76 5.24 30.17
CA HIS C 100 -22.50 5.51 31.61
C HIS C 100 -22.60 7.01 31.89
N ASP C 101 -23.79 7.51 32.23
CA ASP C 101 -24.05 8.97 32.28
C ASP C 101 -23.98 9.45 30.82
N GLY C 102 -23.22 10.49 30.47
CA GLY C 102 -23.11 10.93 29.06
C GLY C 102 -21.86 10.37 28.38
N PHE C 103 -21.22 9.34 28.95
CA PHE C 103 -19.95 8.78 28.44
C PHE C 103 -20.17 7.36 27.92
N LEU C 104 -19.78 7.12 26.67
CA LEU C 104 -19.92 5.80 26.02
C LEU C 104 -18.74 4.90 26.39
N GLU C 105 -19.02 3.61 26.55
CA GLU C 105 -18.00 2.55 26.67
C GLU C 105 -18.30 1.49 25.60
N CYS C 106 -17.32 1.11 24.81
CA CYS C 106 -17.43 0.00 23.83
C CYS C 106 -17.13 -1.30 24.57
N ILE C 107 -18.07 -2.25 24.52
CA ILE C 107 -18.02 -3.52 25.30
C ILE C 107 -17.96 -4.71 24.35
N GLY C 108 -17.99 -4.46 23.03
CA GLY C 108 -17.83 -5.53 22.03
C GLY C 108 -18.10 -5.07 20.62
N ILE C 109 -18.13 -6.01 19.68
CA ILE C 109 -18.36 -5.79 18.23
C ILE C 109 -19.33 -6.84 17.70
N LYS C 110 -20.14 -6.44 16.72
CA LYS C 110 -20.79 -7.32 15.73
C LYS C 110 -19.79 -7.49 14.60
N PRO C 111 -19.11 -8.66 14.44
CA PRO C 111 -18.08 -8.80 13.40
C PRO C 111 -18.57 -8.50 11.98
N THR C 112 -19.84 -8.88 11.68
CA THR C 112 -20.61 -8.58 10.44
C THR C 112 -22.07 -8.32 10.81
N LYS C 113 -22.93 -8.01 9.83
CA LYS C 113 -24.38 -7.73 10.06
C LYS C 113 -25.07 -8.98 10.61
N HIS C 114 -24.74 -10.16 10.10
CA HIS C 114 -25.51 -11.40 10.40
C HIS C 114 -24.70 -12.34 11.30
N THR C 115 -23.65 -11.87 11.97
CA THR C 115 -22.83 -12.62 12.96
C THR C 115 -23.24 -12.19 14.37
N PRO C 116 -23.31 -13.11 15.35
CA PRO C 116 -23.61 -12.73 16.72
C PRO C 116 -22.44 -11.98 17.37
N ILE C 117 -22.75 -11.15 18.37
CA ILE C 117 -21.82 -10.21 19.05
C ILE C 117 -20.66 -10.99 19.69
N ILE C 118 -19.45 -10.43 19.62
CA ILE C 118 -18.27 -10.82 20.45
C ILE C 118 -18.01 -9.72 21.48
N TYR C 119 -17.97 -10.06 22.77
CA TYR C 119 -17.73 -9.10 23.87
C TYR C 119 -16.22 -8.93 24.06
N LYS C 120 -15.82 -7.80 24.64
CA LYS C 120 -14.41 -7.40 24.91
C LYS C 120 -13.62 -8.58 25.47
N TYR C 121 -14.20 -9.30 26.44
CA TYR C 121 -13.51 -10.41 27.15
C TYR C 121 -13.09 -11.52 26.17
N ASP C 122 -13.62 -11.53 24.94
CA ASP C 122 -13.45 -12.64 23.97
C ASP C 122 -12.67 -12.16 22.74
N LEU C 123 -12.16 -10.93 22.74
CA LEU C 123 -11.25 -10.40 21.69
C LEU C 123 -9.81 -10.67 22.14
N ASN C 124 -8.85 -10.59 21.22
CA ASN C 124 -7.43 -10.89 21.58
C ASN C 124 -6.91 -9.81 22.51
N PRO C 125 -5.85 -10.14 23.29
CA PRO C 125 -5.16 -9.17 24.15
C PRO C 125 -4.66 -7.92 23.38
O1 TAR D . -10.66 7.41 -3.06
O11 TAR D . -9.61 5.51 -3.51
C1 TAR D . -9.97 6.41 -2.73
C2 TAR D . -9.50 6.31 -1.27
O2 TAR D . -9.08 7.57 -0.77
C3 TAR D . -10.59 5.74 -0.35
O3 TAR D . -10.15 5.75 0.99
C4 TAR D . -11.01 4.32 -0.81
O4 TAR D . -12.20 3.96 -0.60
O41 TAR D . -10.14 3.60 -1.35
CL CL E . 14.60 8.71 15.07
O1 TAR F . 18.83 7.74 -7.28
O11 TAR F . 19.70 9.51 -6.27
C1 TAR F . 18.89 8.55 -6.33
C2 TAR F . 17.91 8.40 -5.14
O2 TAR F . 17.35 9.63 -4.76
C3 TAR F . 16.76 7.40 -5.43
O3 TAR F . 15.97 7.90 -6.48
C4 TAR F . 15.86 7.12 -4.20
O4 TAR F . 15.52 8.10 -3.50
O41 TAR F . 15.45 5.92 -4.04
O1 TAR G . -4.14 -9.68 -4.87
O11 TAR G . -3.10 -7.74 -4.48
C1 TAR G . -3.22 -8.83 -5.10
C2 TAR G . -2.25 -9.16 -6.27
O2 TAR G . -2.75 -8.58 -7.46
C3 TAR G . -0.79 -8.67 -6.04
O3 TAR G . -0.19 -8.36 -7.30
C4 TAR G . 0.10 -9.65 -5.25
O4 TAR G . -0.13 -10.88 -5.37
O41 TAR G . 1.04 -9.16 -4.56
CL CL H . -7.33 -10.41 -10.99
CL CL I . 10.89 -10.07 -29.89
#